data_4CFR
#
_entry.id   4CFR
#
_cell.length_a   64.140
_cell.length_b   64.140
_cell.length_c   138.220
_cell.angle_alpha   90.00
_cell.angle_beta   90.00
_cell.angle_gamma   90.00
#
_symmetry.space_group_name_H-M   'P 41 21 2'
#
loop_
_entity.id
_entity.type
_entity.pdbx_description
1 polymer 'PROTEIN S100-A4'
2 polymer MYOSIN-9
3 non-polymer 'CALCIUM ION'
4 water water
#
loop_
_entity_poly.entity_id
_entity_poly.type
_entity_poly.pdbx_seq_one_letter_code
_entity_poly.pdbx_strand_id
1 'polypeptide(L)'
;GSHMASPLEKALDVMVSTFHKYSGKEGDKFKLNKSELKELLTRELPSWLGKRTDEAAFQKLMSNLDSNRDNEVDFQEYCV
FLSSIAMMSNEFFEGFPDKQPRKK
;
A,B
2 'polypeptide(L)' YRKLQRELEDATETADAMNREVSSLKNKLRRGDLPFVVPRRMARK Q
#
loop_
_chem_comp.id
_chem_comp.type
_chem_comp.name
_chem_comp.formula
CA non-polymer 'CALCIUM ION' 'Ca 2'
#
# COMPACT_ATOMS: atom_id res chain seq x y z
N ALA A 5 -9.22 -16.62 -1.08
CA ALA A 5 -8.60 -15.32 -0.86
C ALA A 5 -9.67 -14.22 -0.86
N SER A 6 -9.61 -13.34 0.12
CA SER A 6 -10.56 -12.25 0.24
C SER A 6 -10.27 -11.22 -0.83
N PRO A 7 -11.22 -10.30 -1.06
CA PRO A 7 -10.93 -9.22 -2.01
C PRO A 7 -9.71 -8.41 -1.62
N LEU A 8 -9.48 -8.18 -0.34
CA LEU A 8 -8.33 -7.41 0.08
C LEU A 8 -7.03 -8.17 -0.18
N GLU A 9 -7.03 -9.47 0.10
CA GLU A 9 -5.86 -10.29 -0.21
C GLU A 9 -5.55 -10.27 -1.70
N LYS A 10 -6.58 -10.40 -2.53
CA LYS A 10 -6.38 -10.35 -3.98
C LYS A 10 -5.88 -9.00 -4.43
N ALA A 11 -6.40 -7.93 -3.82
CA ALA A 11 -5.97 -6.58 -4.15
C ALA A 11 -4.48 -6.36 -3.90
N LEU A 12 -3.97 -6.89 -2.78
CA LEU A 12 -2.56 -6.75 -2.47
C LEU A 12 -1.73 -7.50 -3.53
N ASP A 13 -2.24 -8.63 -4.00
CA ASP A 13 -1.54 -9.36 -5.05
C ASP A 13 -1.55 -8.61 -6.39
N VAL A 14 -2.61 -7.86 -6.67
CA VAL A 14 -2.65 -7.01 -7.86
C VAL A 14 -1.58 -5.91 -7.76
N MET A 15 -1.34 -5.39 -6.57
CA MET A 15 -0.29 -4.40 -6.43
CA MET A 15 -0.29 -4.40 -6.39
C MET A 15 1.06 -4.98 -6.84
N VAL A 16 1.30 -6.22 -6.46
CA VAL A 16 2.56 -6.87 -6.77
C VAL A 16 2.66 -7.18 -8.26
N SER A 17 1.62 -7.79 -8.81
CA SER A 17 1.66 -8.15 -10.22
C SER A 17 1.79 -6.93 -11.12
N THR A 18 1.08 -5.85 -10.78
CA THR A 18 1.10 -4.69 -11.65
C THR A 18 2.49 -4.04 -11.67
N PHE A 19 3.12 -3.98 -10.51
CA PHE A 19 4.50 -3.47 -10.44
C PHE A 19 5.42 -4.21 -11.38
N HIS A 20 5.36 -5.53 -11.35
CA HIS A 20 6.25 -6.33 -12.18
C HIS A 20 5.89 -6.37 -13.65
N LYS A 21 4.69 -5.96 -13.99
CA LYS A 21 4.32 -5.79 -15.40
C LYS A 21 5.21 -4.72 -16.05
N TYR A 22 5.68 -3.77 -15.26
CA TYR A 22 6.48 -2.69 -15.78
C TYR A 22 7.95 -2.69 -15.35
N SER A 23 8.22 -3.16 -14.14
CA SER A 23 9.57 -3.01 -13.58
C SER A 23 10.64 -3.77 -14.35
N GLY A 24 10.24 -4.85 -15.01
CA GLY A 24 11.19 -5.69 -15.71
C GLY A 24 11.46 -5.30 -17.15
N LYS A 25 10.83 -4.24 -17.65
CA LYS A 25 11.01 -3.83 -19.02
C LYS A 25 12.42 -3.30 -19.34
N GLU A 26 13.00 -2.53 -18.42
CA GLU A 26 14.28 -1.86 -18.62
C GLU A 26 15.12 -1.90 -17.34
N GLY A 27 16.42 -1.97 -17.51
CA GLY A 27 17.34 -1.78 -16.40
C GLY A 27 17.09 -2.73 -15.25
N ASP A 28 17.10 -2.20 -14.03
CA ASP A 28 16.88 -3.01 -12.84
C ASP A 28 15.55 -3.74 -12.99
N LYS A 29 15.56 -5.05 -12.84
CA LYS A 29 14.36 -5.85 -13.05
C LYS A 29 13.30 -5.61 -12.00
N PHE A 30 13.72 -5.13 -10.82
CA PHE A 30 12.82 -5.06 -9.67
C PHE A 30 12.56 -3.62 -9.23
N LYS A 31 12.88 -2.68 -10.10
CA LYS A 31 12.58 -1.26 -9.82
C LYS A 31 12.05 -0.59 -11.06
N LEU A 32 11.27 0.47 -10.85
CA LEU A 32 10.74 1.30 -11.92
C LEU A 32 11.64 2.49 -12.16
N ASN A 33 12.13 2.63 -13.38
CA ASN A 33 12.75 3.87 -13.78
C ASN A 33 11.64 4.87 -14.19
N LYS A 34 12.02 6.07 -14.58
CA LYS A 34 11.03 7.11 -14.88
C LYS A 34 10.09 6.68 -16.01
N SER A 35 10.65 6.06 -17.06
CA SER A 35 9.85 5.63 -18.19
C SER A 35 8.83 4.56 -17.77
N GLU A 36 9.27 3.61 -16.94
CA GLU A 36 8.40 2.53 -16.52
C GLU A 36 7.31 3.05 -15.60
N LEU A 37 7.67 3.95 -14.69
CA LEU A 37 6.68 4.57 -13.82
C LEU A 37 5.65 5.34 -14.62
N LYS A 38 6.11 6.07 -15.63
CA LYS A 38 5.19 6.82 -16.47
C LYS A 38 4.20 5.90 -17.18
N GLU A 39 4.68 4.74 -17.66
CA GLU A 39 3.79 3.80 -18.32
C GLU A 39 2.76 3.24 -17.33
N LEU A 40 3.22 2.88 -16.15
CA LEU A 40 2.36 2.32 -15.13
CA LEU A 40 2.37 2.33 -15.12
C LEU A 40 1.26 3.33 -14.77
N LEU A 41 1.66 4.55 -14.51
CA LEU A 41 0.68 5.59 -14.18
C LEU A 41 -0.33 5.79 -15.32
N THR A 42 0.17 5.90 -16.54
CA THR A 42 -0.67 6.23 -17.68
C THR A 42 -1.61 5.09 -18.00
N ARG A 43 -1.12 3.85 -17.94
CA ARG A 43 -1.93 2.73 -18.36
C ARG A 43 -2.77 2.10 -17.25
N GLU A 44 -2.28 2.14 -16.02
CA GLU A 44 -2.94 1.49 -14.90
C GLU A 44 -3.60 2.45 -13.93
N LEU A 45 -3.17 3.71 -13.91
CA LEU A 45 -3.79 4.71 -13.02
C LEU A 45 -4.23 5.96 -13.78
N PRO A 46 -4.87 5.80 -14.94
CA PRO A 46 -5.17 7.00 -15.73
C PRO A 46 -6.15 7.93 -15.02
N SER A 47 -6.92 7.40 -14.08
CA SER A 47 -7.83 8.24 -13.30
C SER A 47 -7.08 9.28 -12.46
N TRP A 48 -5.77 9.12 -12.30
CA TRP A 48 -4.95 10.04 -11.51
C TRP A 48 -4.06 10.95 -12.34
N LEU A 49 -4.13 10.85 -13.65
CA LEU A 49 -3.41 11.79 -14.50
C LEU A 49 -3.93 13.21 -14.31
N GLY A 50 -3.03 14.18 -14.39
CA GLY A 50 -3.43 15.58 -14.33
C GLY A 50 -4.24 15.97 -15.54
N LYS A 51 -4.97 17.08 -15.45
CA LYS A 51 -5.82 17.52 -16.56
C LYS A 51 -5.04 17.80 -17.84
N ARG A 52 -3.85 18.37 -17.69
CA ARG A 52 -2.99 18.68 -18.81
C ARG A 52 -1.75 17.81 -18.74
N THR A 53 -1.21 17.42 -19.87
CA THR A 53 0.10 16.79 -19.85
CA THR A 53 0.12 16.82 -19.91
C THR A 53 1.08 17.77 -19.19
N ASP A 54 2.00 17.23 -18.40
CA ASP A 54 2.81 18.06 -17.47
C ASP A 54 4.06 17.29 -17.07
N GLU A 55 5.10 17.42 -17.88
CA GLU A 55 6.31 16.66 -17.65
C GLU A 55 7.00 17.12 -16.37
N ALA A 56 6.93 18.42 -16.07
CA ALA A 56 7.57 18.94 -14.87
C ALA A 56 6.97 18.33 -13.64
N ALA A 57 5.64 18.24 -13.61
CA ALA A 57 4.96 17.65 -12.47
C ALA A 57 5.30 16.17 -12.36
N PHE A 58 5.44 15.49 -13.49
CA PHE A 58 5.78 14.08 -13.43
C PHE A 58 7.19 13.88 -12.89
N GLN A 59 8.13 14.70 -13.32
CA GLN A 59 9.48 14.66 -12.77
C GLN A 59 9.48 14.84 -11.27
N LYS A 60 8.67 15.78 -10.79
CA LYS A 60 8.59 16.03 -9.37
C LYS A 60 8.00 14.85 -8.63
N LEU A 61 7.01 14.19 -9.22
CA LEU A 61 6.43 12.98 -8.63
C LEU A 61 7.52 11.92 -8.47
N MET A 62 8.29 11.70 -9.51
CA MET A 62 9.35 10.70 -9.46
C MET A 62 10.33 11.01 -8.32
N SER A 63 10.74 12.27 -8.24
CA SER A 63 11.65 12.72 -7.19
CA SER A 63 11.65 12.72 -7.19
C SER A 63 11.04 12.52 -5.80
N ASN A 64 9.77 12.84 -5.66
CA ASN A 64 9.09 12.66 -4.38
C ASN A 64 9.10 11.20 -3.96
N LEU A 65 8.85 10.31 -4.91
CA LEU A 65 8.71 8.89 -4.58
C LEU A 65 10.05 8.20 -4.31
N ASP A 66 11.13 8.75 -4.86
CA ASP A 66 12.45 8.14 -4.74
C ASP A 66 13.11 8.52 -3.41
N SER A 67 12.53 8.02 -2.33
CA SER A 67 12.96 8.37 -0.99
C SER A 67 14.39 7.94 -0.66
N ASN A 68 14.87 6.84 -1.25
CA ASN A 68 16.22 6.36 -0.95
C ASN A 68 17.27 6.92 -1.93
N ARG A 69 16.84 7.81 -2.84
CA ARG A 69 17.74 8.62 -3.66
C ARG A 69 18.60 7.81 -4.62
N ASP A 70 18.03 6.77 -5.20
CA ASP A 70 18.79 5.93 -6.11
C ASP A 70 18.36 6.04 -7.57
N ASN A 71 17.51 7.02 -7.87
CA ASN A 71 17.05 7.26 -9.23
CA ASN A 71 16.97 7.30 -9.19
C ASN A 71 16.05 6.21 -9.73
N GLU A 72 15.46 5.45 -8.82
CA GLU A 72 14.52 4.41 -9.17
C GLU A 72 13.41 4.38 -8.14
N VAL A 73 12.26 3.82 -8.53
CA VAL A 73 11.18 3.58 -7.58
C VAL A 73 11.09 2.08 -7.33
N ASP A 74 11.46 1.66 -6.13
CA ASP A 74 11.40 0.25 -5.79
C ASP A 74 10.02 -0.13 -5.28
N PHE A 75 9.83 -1.37 -4.90
CA PHE A 75 8.50 -1.84 -4.56
C PHE A 75 7.96 -1.10 -3.34
N GLN A 76 8.78 -0.92 -2.31
CA GLN A 76 8.32 -0.21 -1.14
C GLN A 76 7.90 1.22 -1.46
N GLU A 77 8.72 1.90 -2.24
CA GLU A 77 8.42 3.28 -2.65
C GLU A 77 7.12 3.34 -3.45
N TYR A 78 6.89 2.33 -4.27
CA TYR A 78 5.65 2.20 -5.01
C TYR A 78 4.45 1.95 -4.10
N CYS A 79 4.61 1.17 -3.04
CA CYS A 79 3.53 0.97 -2.08
C CYS A 79 3.20 2.30 -1.43
N VAL A 80 4.21 3.10 -1.14
CA VAL A 80 3.96 4.42 -0.56
C VAL A 80 3.20 5.29 -1.57
N PHE A 81 3.57 5.24 -2.84
CA PHE A 81 2.80 5.90 -3.89
C PHE A 81 1.34 5.49 -3.88
N LEU A 82 1.08 4.19 -3.91
CA LEU A 82 -0.28 3.69 -3.93
C LEU A 82 -1.03 4.09 -2.66
N SER A 83 -0.36 4.03 -1.52
CA SER A 83 -0.97 4.45 -0.25
C SER A 83 -1.39 5.92 -0.33
N SER A 84 -0.55 6.73 -0.94
CA SER A 84 -0.83 8.16 -1.02
C SER A 84 -2.08 8.40 -1.84
N ILE A 85 -2.23 7.66 -2.93
CA ILE A 85 -3.43 7.72 -3.75
C ILE A 85 -4.63 7.22 -2.95
N ALA A 86 -4.50 6.08 -2.29
CA ALA A 86 -5.59 5.54 -1.49
C ALA A 86 -6.04 6.54 -0.41
N MET A 87 -5.08 7.26 0.18
CA MET A 87 -5.41 8.25 1.20
C MET A 87 -6.24 9.38 0.62
N MET A 88 -5.97 9.79 -0.61
CA MET A 88 -6.85 10.77 -1.26
C MET A 88 -8.24 10.21 -1.54
N SER A 89 -8.31 8.98 -2.02
CA SER A 89 -9.60 8.33 -2.23
C SER A 89 -10.35 8.21 -0.92
N ASN A 90 -9.62 7.98 0.16
CA ASN A 90 -10.24 7.87 1.45
C ASN A 90 -10.76 9.23 1.95
N GLU A 91 -10.04 10.30 1.65
CA GLU A 91 -10.50 11.65 2.01
C GLU A 91 -11.82 11.94 1.31
N PHE A 92 -11.92 11.56 0.04
CA PHE A 92 -13.16 11.72 -0.71
C PHE A 92 -14.28 10.87 -0.09
N PHE A 93 -13.96 9.62 0.25
CA PHE A 93 -14.94 8.70 0.82
C PHE A 93 -15.57 9.27 2.08
N GLU A 94 -14.74 9.89 2.91
CA GLU A 94 -15.16 10.35 4.23
C GLU A 94 -15.71 11.77 4.23
N GLY A 95 -15.24 12.56 3.28
CA GLY A 95 -15.31 14.01 3.38
C GLY A 95 -16.57 14.64 2.86
N PHE A 96 -17.42 13.89 2.18
CA PHE A 96 -18.58 14.52 1.55
C PHE A 96 -19.93 13.88 1.89
N PRO A 97 -20.25 13.78 3.19
CA PRO A 97 -21.54 13.17 3.55
C PRO A 97 -22.76 13.98 3.10
N ASP A 98 -23.88 13.27 2.86
CA ASP A 98 -25.15 13.87 2.47
C ASP A 98 -26.07 13.95 3.66
N MET B 4 -13.88 0.08 -17.50
CA MET B 4 -12.86 1.15 -17.58
C MET B 4 -11.76 0.97 -16.53
N ALA B 5 -12.13 0.88 -15.26
CA ALA B 5 -11.12 0.87 -14.19
C ALA B 5 -10.21 -0.33 -14.30
N SER B 6 -8.92 -0.09 -14.16
CA SER B 6 -7.92 -1.14 -14.18
C SER B 6 -7.99 -2.00 -12.92
N PRO B 7 -7.38 -3.17 -12.95
CA PRO B 7 -7.34 -3.96 -11.72
C PRO B 7 -6.69 -3.20 -10.57
N LEU B 8 -5.67 -2.39 -10.86
CA LEU B 8 -4.99 -1.66 -9.78
C LEU B 8 -5.91 -0.56 -9.22
N GLU B 9 -6.62 0.13 -10.08
CA GLU B 9 -7.59 1.12 -9.61
C GLU B 9 -8.66 0.47 -8.74
N LYS B 10 -9.13 -0.70 -9.15
CA LYS B 10 -10.10 -1.44 -8.36
C LYS B 10 -9.51 -1.87 -7.02
N ALA B 11 -8.25 -2.27 -7.04
CA ALA B 11 -7.58 -2.71 -5.82
C ALA B 11 -7.49 -1.58 -4.81
N LEU B 12 -7.19 -0.37 -5.27
CA LEU B 12 -7.15 0.77 -4.35
C LEU B 12 -8.52 1.02 -3.73
N ASP B 13 -9.58 0.85 -4.52
CA ASP B 13 -10.94 1.02 -3.98
C ASP B 13 -11.25 -0.03 -2.93
N VAL B 14 -10.74 -1.25 -3.12
CA VAL B 14 -10.93 -2.29 -2.11
C VAL B 14 -10.19 -1.96 -0.81
N MET B 15 -9.02 -1.34 -0.89
CA MET B 15 -8.30 -0.90 0.30
C MET B 15 -9.19 0.04 1.10
N VAL B 16 -9.81 0.99 0.43
CA VAL B 16 -10.64 1.98 1.10
C VAL B 16 -11.94 1.36 1.63
N SER B 17 -12.63 0.61 0.79
CA SER B 17 -13.93 0.06 1.18
C SER B 17 -13.80 -0.92 2.34
N THR B 18 -12.74 -1.73 2.33
CA THR B 18 -12.57 -2.74 3.37
C THR B 18 -12.33 -2.08 4.73
N PHE B 19 -11.52 -1.04 4.73
CA PHE B 19 -11.25 -0.28 5.94
C PHE B 19 -12.56 0.17 6.58
N HIS B 20 -13.42 0.77 5.78
CA HIS B 20 -14.65 1.36 6.30
C HIS B 20 -15.72 0.34 6.67
N LYS B 21 -15.65 -0.83 6.08
CA LYS B 21 -16.56 -1.90 6.45
C LYS B 21 -16.44 -2.13 7.96
N TYR B 22 -15.22 -2.00 8.48
CA TYR B 22 -14.96 -2.24 9.91
C TYR B 22 -14.85 -0.95 10.73
N SER B 23 -14.26 0.11 10.19
CA SER B 23 -14.05 1.31 10.98
C SER B 23 -15.37 1.94 11.41
N GLY B 24 -16.40 1.77 10.59
CA GLY B 24 -17.67 2.43 10.82
C GLY B 24 -18.59 1.66 11.76
N LYS B 25 -18.10 0.61 12.39
CA LYS B 25 -18.97 -0.21 13.24
C LYS B 25 -19.18 0.42 14.63
N GLU B 26 -18.11 1.00 15.17
CA GLU B 26 -18.12 1.53 16.53
C GLU B 26 -17.30 2.81 16.67
N GLY B 27 -17.71 3.62 17.64
CA GLY B 27 -16.97 4.81 18.05
C GLY B 27 -16.62 5.74 16.90
N ASP B 28 -15.33 6.07 16.80
CA ASP B 28 -14.82 6.89 15.72
C ASP B 28 -15.05 6.10 14.46
N LYS B 29 -15.95 6.59 13.61
CA LYS B 29 -16.40 5.83 12.45
C LYS B 29 -15.34 5.79 11.34
N PHE B 30 -14.28 6.57 11.50
CA PHE B 30 -13.24 6.63 10.48
C PHE B 30 -11.88 6.09 10.94
N LYS B 31 -11.88 5.45 12.10
CA LYS B 31 -10.68 4.75 12.58
C LYS B 31 -11.08 3.39 13.14
N LEU B 32 -10.11 2.47 13.13
CA LEU B 32 -10.28 1.12 13.65
C LEU B 32 -9.88 1.06 15.12
N ASN B 33 -10.82 0.72 16.00
CA ASN B 33 -10.44 0.37 17.36
C ASN B 33 -9.92 -1.07 17.39
N LYS B 34 -9.52 -1.55 18.56
CA LYS B 34 -8.97 -2.89 18.67
C LYS B 34 -9.91 -3.97 18.13
N SER B 35 -11.18 -3.89 18.52
CA SER B 35 -12.15 -4.89 18.10
C SER B 35 -12.33 -4.89 16.58
N GLU B 36 -12.40 -3.71 15.99
CA GLU B 36 -12.61 -3.59 14.54
C GLU B 36 -11.38 -4.08 13.75
N LEU B 37 -10.20 -3.70 14.22
CA LEU B 37 -8.97 -4.17 13.58
C LEU B 37 -8.90 -5.68 13.61
N LYS B 38 -9.25 -6.26 14.76
CA LYS B 38 -9.15 -7.70 14.90
C LYS B 38 -10.09 -8.40 13.92
N GLU B 39 -11.31 -7.90 13.79
CA GLU B 39 -12.23 -8.45 12.79
C GLU B 39 -11.69 -8.31 11.37
N LEU B 40 -11.16 -7.15 11.03
CA LEU B 40 -10.64 -6.93 9.69
C LEU B 40 -9.53 -7.93 9.39
N LEU B 41 -8.60 -8.08 10.31
CA LEU B 41 -7.48 -9.01 10.14
C LEU B 41 -7.95 -10.45 10.01
N THR B 42 -8.80 -10.89 10.93
CA THR B 42 -9.24 -12.28 10.97
CA THR B 42 -9.22 -12.29 10.94
C THR B 42 -10.11 -12.64 9.76
N ARG B 43 -10.95 -11.69 9.34
CA ARG B 43 -11.90 -11.95 8.26
C ARG B 43 -11.37 -11.64 6.86
N GLU B 44 -10.55 -10.60 6.75
CA GLU B 44 -10.08 -10.15 5.43
C GLU B 44 -8.62 -10.48 5.14
N LEU B 45 -7.81 -10.80 6.16
CA LEU B 45 -6.41 -11.15 5.94
C LEU B 45 -6.04 -12.48 6.61
N PRO B 46 -6.89 -13.49 6.46
CA PRO B 46 -6.66 -14.72 7.24
C PRO B 46 -5.37 -15.45 6.86
N SER B 47 -4.94 -15.33 5.62
CA SER B 47 -3.71 -15.96 5.18
C SER B 47 -2.46 -15.34 5.83
N TRP B 48 -2.63 -14.20 6.49
CA TRP B 48 -1.50 -13.48 7.03
C TRP B 48 -1.37 -13.59 8.54
N LEU B 49 -2.27 -14.34 9.17
CA LEU B 49 -2.26 -14.52 10.61
C LEU B 49 -1.14 -15.48 11.00
N GLY B 50 -0.39 -15.11 12.04
CA GLY B 50 0.79 -15.86 12.45
C GLY B 50 0.50 -16.95 13.45
N LYS B 51 1.50 -17.33 14.21
CA LYS B 51 1.35 -18.48 15.10
C LYS B 51 0.87 -18.11 16.50
N ARG B 52 0.84 -16.81 16.80
CA ARG B 52 0.26 -16.35 18.07
C ARG B 52 -1.12 -15.75 17.80
N THR B 53 -2.12 -16.21 18.53
CA THR B 53 -3.48 -15.71 18.35
C THR B 53 -4.04 -15.06 19.61
N ASP B 54 -3.25 -15.06 20.68
CA ASP B 54 -3.70 -14.54 21.97
C ASP B 54 -3.85 -13.03 21.95
N GLU B 55 -4.59 -12.51 22.93
CA GLU B 55 -4.91 -11.09 22.97
C GLU B 55 -3.68 -10.22 23.26
N ALA B 56 -2.74 -10.76 24.05
CA ALA B 56 -1.49 -10.04 24.29
C ALA B 56 -0.75 -9.80 22.97
N ALA B 57 -0.67 -10.83 22.12
CA ALA B 57 -0.01 -10.69 20.84
C ALA B 57 -0.77 -9.69 19.97
N PHE B 58 -2.09 -9.72 20.07
CA PHE B 58 -2.87 -8.80 19.26
C PHE B 58 -2.66 -7.37 19.73
N GLN B 59 -2.63 -7.18 21.05
CA GLN B 59 -2.39 -5.85 21.61
C GLN B 59 -1.03 -5.30 21.18
N LYS B 60 -0.02 -6.17 21.13
CA LYS B 60 1.31 -5.73 20.69
C LYS B 60 1.25 -5.25 19.23
N LEU B 61 0.53 -5.96 18.39
CA LEU B 61 0.35 -5.53 17.01
C LEU B 61 -0.36 -4.18 16.94
N MET B 62 -1.49 -4.07 17.65
CA MET B 62 -2.26 -2.82 17.70
CA MET B 62 -2.25 -2.84 17.71
C MET B 62 -1.37 -1.67 18.11
N SER B 63 -0.60 -1.87 19.17
CA SER B 63 0.28 -0.84 19.69
C SER B 63 1.30 -0.37 18.66
N ASN B 64 1.82 -1.30 17.88
CA ASN B 64 2.82 -0.98 16.88
C ASN B 64 2.27 -0.43 15.57
N LEU B 65 0.99 -0.67 15.29
CA LEU B 65 0.32 -0.03 14.17
C LEU B 65 -0.14 1.39 14.53
N ASP B 66 -0.45 1.57 15.80
CA ASP B 66 -0.95 2.83 16.31
C ASP B 66 0.22 3.76 16.64
N SER B 67 0.87 4.27 15.60
CA SER B 67 2.10 5.04 15.76
C SER B 67 1.90 6.38 16.49
N ASN B 68 0.70 6.96 16.41
CA ASN B 68 0.46 8.21 17.12
C ASN B 68 -0.24 8.02 18.48
N ARG B 69 -0.36 6.76 18.90
CA ARG B 69 -0.79 6.43 20.26
C ARG B 69 -2.11 7.07 20.69
N ASP B 70 -3.11 6.99 19.81
CA ASP B 70 -4.45 7.46 20.14
C ASP B 70 -5.42 6.29 20.30
N ASN B 71 -4.86 5.09 20.43
CA ASN B 71 -5.64 3.88 20.63
C ASN B 71 -6.58 3.57 19.47
N GLU B 72 -6.19 4.02 18.27
CA GLU B 72 -6.95 3.77 17.06
C GLU B 72 -5.96 3.54 15.93
N VAL B 73 -6.39 2.80 14.93
CA VAL B 73 -5.61 2.71 13.69
C VAL B 73 -6.35 3.49 12.63
N ASP B 74 -5.75 4.61 12.21
CA ASP B 74 -6.35 5.43 11.17
C ASP B 74 -5.96 4.93 9.80
N PHE B 75 -6.47 5.58 8.75
CA PHE B 75 -6.30 5.06 7.41
C PHE B 75 -4.83 5.02 7.01
N GLN B 76 -4.07 6.04 7.37
CA GLN B 76 -2.67 6.09 7.01
C GLN B 76 -1.91 4.95 7.70
N GLU B 77 -2.21 4.72 8.97
CA GLU B 77 -1.55 3.66 9.76
C GLU B 77 -1.88 2.30 9.17
N TYR B 78 -3.12 2.16 8.71
CA TYR B 78 -3.55 0.95 8.02
C TYR B 78 -2.81 0.75 6.71
N CYS B 79 -2.59 1.81 5.94
CA CYS B 79 -1.81 1.71 4.69
C CYS B 79 -0.36 1.32 4.96
N VAL B 80 0.22 1.77 6.08
CA VAL B 80 1.58 1.37 6.43
C VAL B 80 1.62 -0.15 6.62
N PHE B 81 0.60 -0.69 7.27
CA PHE B 81 0.47 -2.14 7.47
C PHE B 81 0.24 -2.87 6.14
N LEU B 82 -0.67 -2.40 5.32
CA LEU B 82 -0.92 -3.09 4.06
C LEU B 82 0.31 -3.08 3.17
N SER B 83 1.06 -1.99 3.18
CA SER B 83 2.27 -1.89 2.38
C SER B 83 3.26 -2.96 2.82
N SER B 84 3.36 -3.17 4.13
CA SER B 84 4.29 -4.15 4.67
CA SER B 84 4.30 -4.16 4.66
C SER B 84 3.90 -5.57 4.24
N ILE B 85 2.60 -5.85 4.20
CA ILE B 85 2.10 -7.14 3.75
CA ILE B 85 2.11 -7.15 3.74
C ILE B 85 2.38 -7.33 2.25
N ALA B 86 2.08 -6.31 1.45
CA ALA B 86 2.35 -6.39 0.01
C ALA B 86 3.84 -6.64 -0.22
N MET B 87 4.70 -6.03 0.60
CA MET B 87 6.14 -6.23 0.45
C MET B 87 6.50 -7.70 0.71
N MET B 88 5.86 -8.33 1.68
CA MET B 88 6.11 -9.76 1.91
C MET B 88 5.74 -10.56 0.67
N SER B 89 4.61 -10.23 0.06
CA SER B 89 4.23 -10.95 -1.16
C SER B 89 5.22 -10.69 -2.28
N ASN B 90 5.73 -9.47 -2.36
CA ASN B 90 6.70 -9.14 -3.39
C ASN B 90 8.00 -9.92 -3.21
N GLU B 91 8.41 -10.12 -1.96
CA GLU B 91 9.63 -10.89 -1.67
C GLU B 91 9.45 -12.36 -2.08
N PHE B 92 8.25 -12.89 -1.89
CA PHE B 92 7.92 -14.23 -2.41
C PHE B 92 7.99 -14.22 -3.94
N PHE B 93 7.34 -13.24 -4.57
CA PHE B 93 7.32 -13.13 -6.03
C PHE B 93 8.73 -13.09 -6.63
N GLU B 94 9.58 -12.25 -6.06
CA GLU B 94 10.90 -12.01 -6.61
C GLU B 94 11.89 -13.14 -6.34
N GLY B 95 11.53 -14.06 -5.46
CA GLY B 95 12.36 -15.23 -5.21
C GLY B 95 12.40 -16.18 -6.39
N PHE B 96 11.40 -16.12 -7.27
CA PHE B 96 11.33 -17.02 -8.42
C PHE B 96 12.16 -16.55 -9.61
N PRO B 97 12.63 -17.52 -10.43
CA PRO B 97 13.26 -17.18 -11.71
C PRO B 97 12.36 -16.33 -12.58
N ASP B 98 12.95 -15.44 -13.38
CA ASP B 98 12.19 -14.47 -14.17
C ASP B 98 11.12 -15.07 -15.08
N LYS B 99 11.43 -16.21 -15.70
CA LYS B 99 10.44 -16.84 -16.59
C LYS B 99 9.68 -17.97 -15.91
N GLN B 100 9.56 -17.90 -14.58
CA GLN B 100 8.76 -18.86 -13.84
C GLN B 100 7.33 -18.83 -14.38
N PRO B 101 6.76 -20.01 -14.68
CA PRO B 101 5.43 -19.98 -15.31
C PRO B 101 4.34 -19.37 -14.43
N ARG B 102 3.42 -18.66 -15.05
CA ARG B 102 2.21 -18.20 -14.36
C ARG B 102 1.04 -18.09 -15.31
N LYS B 103 -0.15 -17.93 -14.74
CA LYS B 103 -1.34 -17.61 -15.50
C LYS B 103 -1.53 -16.09 -15.47
N TYR C 1 -9.65 11.20 -15.86
CA TYR C 1 -8.47 11.79 -15.24
C TYR C 1 -8.88 13.01 -14.39
N ARG C 2 -7.93 13.61 -13.70
CA ARG C 2 -8.26 14.66 -12.72
C ARG C 2 -8.63 15.97 -13.39
N LYS C 3 -9.10 16.92 -12.58
CA LYS C 3 -9.54 18.23 -13.07
C LYS C 3 -8.49 19.30 -12.77
N LEU C 4 -7.38 18.86 -12.19
CA LEU C 4 -6.33 19.73 -11.71
C LEU C 4 -5.00 19.17 -12.06
N GLN C 5 -3.97 20.01 -11.93
CA GLN C 5 -2.60 19.56 -11.94
C GLN C 5 -2.16 19.24 -10.52
N ARG C 6 -1.12 18.46 -10.44
CA ARG C 6 -0.25 18.36 -9.27
C ARG C 6 -0.78 17.63 -8.04
N GLU C 7 -1.96 17.02 -8.11
CA GLU C 7 -2.48 16.38 -6.94
C GLU C 7 -1.64 15.18 -6.50
N LEU C 8 -1.06 14.42 -7.43
CA LEU C 8 -0.19 13.32 -7.02
C LEU C 8 1.08 13.85 -6.40
N GLU C 9 1.61 14.94 -6.96
CA GLU C 9 2.80 15.56 -6.42
C GLU C 9 2.51 16.06 -4.99
N ASP C 10 1.35 16.72 -4.80
CA ASP C 10 0.95 17.18 -3.47
C ASP C 10 0.87 16.03 -2.49
N ALA C 11 0.26 14.93 -2.92
CA ALA C 11 0.00 13.79 -2.05
C ALA C 11 1.26 13.01 -1.67
N THR C 12 2.39 13.28 -2.34
CA THR C 12 3.61 12.53 -2.09
C THR C 12 4.76 13.37 -1.53
N GLU C 13 4.46 14.59 -1.10
CA GLU C 13 5.48 15.47 -0.54
C GLU C 13 6.07 14.94 0.77
N THR C 14 5.35 14.07 1.47
CA THR C 14 5.91 13.46 2.69
C THR C 14 6.13 11.94 2.55
N ALA C 15 6.42 11.53 1.33
CA ALA C 15 6.72 10.12 1.08
C ALA C 15 7.88 9.62 1.92
N ASP C 16 8.87 10.47 2.21
CA ASP C 16 10.01 10.01 2.99
C ASP C 16 9.57 9.49 4.34
N ALA C 17 8.75 10.26 5.05
CA ALA C 17 8.31 9.86 6.36
C ALA C 17 7.53 8.56 6.31
N MET C 18 6.71 8.39 5.27
CA MET C 18 5.94 7.17 5.15
C MET C 18 6.83 5.98 4.84
N ASN C 19 7.84 6.17 3.99
CA ASN C 19 8.79 5.08 3.75
C ASN C 19 9.49 4.66 5.02
N ARG C 20 9.85 5.62 5.88
CA ARG C 20 10.54 5.29 7.11
C ARG C 20 9.65 4.52 8.08
N GLU C 21 8.35 4.85 8.08
CA GLU C 21 7.35 4.13 8.87
C GLU C 21 7.15 2.69 8.36
N VAL C 22 7.06 2.55 7.04
CA VAL C 22 6.90 1.23 6.45
C VAL C 22 8.13 0.40 6.74
N SER C 23 9.32 0.98 6.56
CA SER C 23 10.55 0.25 6.87
C SER C 23 10.58 -0.26 8.30
N SER C 24 10.17 0.59 9.23
CA SER C 24 10.15 0.19 10.62
C SER C 24 9.22 -0.99 10.87
N LEU C 25 8.01 -0.89 10.35
CA LEU C 25 7.00 -1.93 10.57
C LEU C 25 7.43 -3.24 9.90
N LYS C 26 7.88 -3.15 8.66
CA LYS C 26 8.32 -4.34 7.93
C LYS C 26 9.42 -5.04 8.69
N ASN C 27 10.34 -4.27 9.28
CA ASN C 27 11.44 -4.87 10.03
C ASN C 27 10.92 -5.61 11.26
N LYS C 28 9.96 -5.02 11.96
CA LYS C 28 9.37 -5.68 13.13
C LYS C 28 8.68 -6.99 12.74
N LEU C 29 7.94 -6.97 11.63
CA LEU C 29 7.30 -8.19 11.16
C LEU C 29 8.32 -9.27 10.78
N ARG C 30 9.34 -8.87 10.04
CA ARG C 30 10.36 -9.80 9.56
C ARG C 30 11.08 -10.50 10.70
N ARG C 31 11.43 -9.72 11.73
CA ARG C 31 12.18 -10.20 12.90
C ARG C 31 11.36 -11.04 13.86
N GLY C 32 10.07 -11.21 13.58
CA GLY C 32 9.18 -11.96 14.45
C GLY C 32 8.80 -11.23 15.73
N ASP C 33 8.85 -9.90 15.71
CA ASP C 33 8.47 -9.11 16.87
C ASP C 33 6.96 -9.03 17.03
N LEU C 34 6.22 -9.28 15.96
CA LEU C 34 4.77 -9.19 15.99
C LEU C 34 4.15 -10.49 15.49
N PRO C 35 4.33 -11.57 16.26
CA PRO C 35 3.91 -12.90 15.81
C PRO C 35 2.40 -13.11 15.68
N PHE C 36 1.56 -12.12 15.97
CA PHE C 36 0.17 -12.21 15.55
C PHE C 36 0.11 -12.27 14.02
N VAL C 37 1.12 -11.73 13.36
CA VAL C 37 1.21 -11.73 11.89
C VAL C 37 2.41 -12.59 11.46
N VAL C 38 2.32 -13.20 10.28
CA VAL C 38 3.44 -13.97 9.75
C VAL C 38 4.60 -13.05 9.40
N PRO C 39 5.84 -13.58 9.45
CA PRO C 39 7.04 -12.85 9.02
C PRO C 39 7.34 -12.96 7.53
N ARG C 40 6.68 -13.90 6.86
CA ARG C 40 6.86 -14.19 5.44
C ARG C 40 5.54 -14.69 4.91
N ARG C 41 5.27 -14.46 3.63
CA ARG C 41 4.11 -15.06 2.99
C ARG C 41 4.22 -16.56 3.14
N MET C 42 3.09 -17.17 3.44
CA MET C 42 3.05 -18.61 3.58
C MET C 42 1.72 -19.09 3.02
N ALA C 43 1.63 -20.38 2.72
CA ALA C 43 0.50 -20.91 1.96
C ALA C 43 -0.86 -20.64 2.62
CA CA D . 13.18 -1.51 -14.37
CA CA E . 14.43 4.69 -4.89
CA CA F . -14.39 2.68 14.58
CA CA G . -3.43 5.89 15.73
#